data_7RUG
#
_entry.id   7RUG
#
loop_
_entity.id
_entity.type
_entity.pdbx_description
1 polymer 'Serine incorporator 3'
2 polymer SiA
#
loop_
_entity_poly.entity_id
_entity_poly.type
_entity_poly.pdbx_seq_one_letter_code
_entity_poly.pdbx_strand_id
1 'polypeptide(L)'
;MGAVLGVFSLASWVPCLCSGASCLLCSCCPNSKNSTVTRLIYAFILLLSTVVSYIMQRKEMETYLKKIPGFCEGGFKIHE
ADINADKDCDVLVGYKAVYRISFAMAIFFFVFSLLMFKVKTSKDLRAAVHNGFWFFKIAALIGIMVGSFYIPGGYFSSVW
FVVGMIGAALFILIQLVLLVDFAHSWNESWVNRMEEGNPRLWYAALLSFTSAFYILSIICVGLLYTYYTKPDGCTENKFF
ISINLILCVVASIISIHPKIQEHQPRSGLLQSSLITLYTMYLTWSAMSNEPDRSCNPNLMSFITRITAPTLAPGNSTAVV
PTPTPPSKSGSLLDSDNFIGLFVFVLCLLYSSIRTSTNSQVDKLTRAVDNEKEGVQYSYSLFHLMLCLASLYIMMTLTSW
YSPDAKFQSMTSKWPAVWVKISSSWVCLLLYVWTLVAPLVLTSRDFSLEENLYFQGGSWSHPQFEKAS
;
A
2 'polypeptide(L)'
;EISEVQLVESGGGLVQPGGSLRLSCAASGFNFSSSSIHWVRQAPGKGLEWVASISSSSGSTSYADSVKGRFTISADTSKN
TAYLQMNSLRAEDTAVYYCARFYSRYSWYGYSYGWSRAFDYWGQGTLVTVSSASTKGPSVFPLAPSSKSTSGGTAALGCL
VKDYFPEPVTVSWNSGALTSGVHTFPAVLQSSGLYSLSSVVTVPSSSLGTQTYICNVNHKPSNTKVDKKVEPKSCDKTHT
C
;
L
#
# COMPACT_ATOMS: atom_id res chain seq x y z
N ASN A 34 0.62 3.04 24.16
CA ASN A 34 0.07 4.37 23.96
C ASN A 34 0.25 4.78 22.51
N SER A 35 1.48 4.64 22.02
CA SER A 35 1.76 4.94 20.61
C SER A 35 0.86 4.12 19.69
N THR A 36 0.84 2.80 19.88
CA THR A 36 0.04 1.94 19.02
C THR A 36 -1.44 2.25 19.16
N VAL A 37 -1.90 2.53 20.38
CA VAL A 37 -3.31 2.81 20.60
C VAL A 37 -3.71 4.07 19.84
N THR A 38 -2.89 5.12 19.95
CA THR A 38 -3.20 6.36 19.24
C THR A 38 -3.17 6.16 17.73
N ARG A 39 -2.17 5.43 17.24
CA ARG A 39 -2.09 5.20 15.80
C ARG A 39 -3.32 4.44 15.31
N LEU A 40 -3.76 3.43 16.07
CA LEU A 40 -4.95 2.69 15.69
C LEU A 40 -6.20 3.56 15.77
N ILE A 41 -6.27 4.47 16.73
CA ILE A 41 -7.40 5.38 16.82
C ILE A 41 -7.48 6.24 15.56
N TYR A 42 -6.34 6.80 15.15
CA TYR A 42 -6.33 7.64 13.96
C TYR A 42 -6.65 6.82 12.71
N ALA A 43 -6.13 5.60 12.63
CA ALA A 43 -6.47 4.74 11.51
C ALA A 43 -7.96 4.44 11.48
N PHE A 44 -8.56 4.19 12.64
CA PHE A 44 -9.98 3.88 12.70
C PHE A 44 -10.81 5.07 12.26
N ILE A 45 -10.47 6.28 12.70
CA ILE A 45 -11.23 7.44 12.28
C ILE A 45 -11.04 7.69 10.79
N LEU A 46 -9.83 7.45 10.27
CA LEU A 46 -9.60 7.55 8.84
C LEU A 46 -10.51 6.61 8.08
N LEU A 47 -10.58 5.34 8.52
CA LEU A 47 -11.43 4.38 7.85
C LEU A 47 -12.90 4.76 7.96
N LEU A 48 -13.29 5.34 9.10
CA LEU A 48 -14.65 5.82 9.25
C LEU A 48 -14.96 6.89 8.21
N SER A 49 -14.05 7.84 8.05
CA SER A 49 -14.24 8.86 7.03
C SER A 49 -14.32 8.23 5.64
N THR A 50 -13.49 7.22 5.39
CA THR A 50 -13.51 6.54 4.09
C THR A 50 -14.86 5.90 3.82
N VAL A 51 -15.39 5.16 4.79
CA VAL A 51 -16.68 4.49 4.57
C VAL A 51 -17.77 5.54 4.41
N VAL A 52 -17.67 6.65 5.14
CA VAL A 52 -18.61 7.75 4.95
C VAL A 52 -18.57 8.21 3.50
N SER A 53 -17.37 8.48 2.98
CA SER A 53 -17.24 8.91 1.60
C SER A 53 -17.87 7.90 0.65
N TYR A 54 -17.61 6.62 0.88
CA TYR A 54 -18.13 5.58 0.00
C TYR A 54 -19.67 5.58 0.02
N ILE A 55 -20.26 5.71 1.21
CA ILE A 55 -21.72 5.63 1.30
C ILE A 55 -22.36 6.87 0.69
N MET A 56 -21.72 8.04 0.78
CA MET A 56 -22.25 9.20 0.06
C MET A 56 -22.42 8.91 -1.42
N GLN A 57 -21.51 8.13 -2.01
CA GLN A 57 -21.56 7.89 -3.45
C GLN A 57 -22.81 7.14 -3.88
N ARG A 58 -23.49 6.46 -2.96
CA ARG A 58 -24.66 5.67 -3.31
C ARG A 58 -25.74 6.56 -3.91
N LYS A 59 -26.46 6.01 -4.89
CA LYS A 59 -27.52 6.77 -5.54
C LYS A 59 -28.65 7.12 -4.57
N GLU A 60 -28.79 6.37 -3.48
CA GLU A 60 -29.81 6.70 -2.49
C GLU A 60 -29.57 8.09 -1.90
N MET A 61 -28.32 8.40 -1.58
CA MET A 61 -27.97 9.67 -0.95
C MET A 61 -27.99 10.84 -1.92
N GLU A 62 -28.11 10.59 -3.22
CA GLU A 62 -28.00 11.68 -4.20
C GLU A 62 -29.06 12.74 -3.99
N THR A 63 -30.31 12.33 -3.75
CA THR A 63 -31.38 13.31 -3.59
C THR A 63 -31.15 14.20 -2.37
N TYR A 64 -30.71 13.60 -1.25
CA TYR A 64 -30.44 14.39 -0.06
C TYR A 64 -29.35 15.43 -0.31
N LEU A 65 -28.27 15.02 -0.99
CA LEU A 65 -27.19 15.96 -1.29
C LEU A 65 -27.67 17.08 -2.20
N LYS A 66 -28.50 16.76 -3.18
CA LYS A 66 -28.93 17.77 -4.15
C LYS A 66 -29.66 18.92 -3.48
N LYS A 67 -30.14 18.74 -2.25
CA LYS A 67 -30.84 19.79 -1.53
C LYS A 67 -29.93 20.97 -1.19
N ILE A 68 -28.61 20.82 -1.30
CA ILE A 68 -27.69 21.90 -0.97
C ILE A 68 -27.91 23.08 -1.92
N VAL A 93 -22.81 13.92 -8.61
CA VAL A 93 -23.13 14.43 -7.28
C VAL A 93 -22.27 13.73 -6.24
N GLY A 94 -22.39 12.40 -6.19
CA GLY A 94 -21.60 11.64 -5.24
C GLY A 94 -20.11 11.84 -5.43
N TYR A 95 -19.68 11.95 -6.69
CA TYR A 95 -18.27 12.21 -6.96
C TYR A 95 -17.83 13.52 -6.34
N LYS A 96 -18.64 14.57 -6.50
CA LYS A 96 -18.28 15.87 -5.93
C LYS A 96 -18.26 15.81 -4.41
N ALA A 97 -19.23 15.13 -3.81
CA ALA A 97 -19.25 15.00 -2.36
C ALA A 97 -18.00 14.28 -1.86
N VAL A 98 -17.62 13.19 -2.53
CA VAL A 98 -16.42 12.47 -2.15
C VAL A 98 -15.19 13.37 -2.32
N TYR A 99 -15.18 14.19 -3.37
CA TYR A 99 -14.06 15.10 -3.58
C TYR A 99 -13.95 16.07 -2.40
N ARG A 100 -15.09 16.63 -1.97
CA ARG A 100 -15.07 17.55 -0.84
C ARG A 100 -14.60 16.87 0.43
N ILE A 101 -15.11 15.66 0.69
CA ILE A 101 -14.71 14.94 1.88
C ILE A 101 -13.21 14.66 1.87
N SER A 102 -12.69 14.21 0.73
CA SER A 102 -11.27 13.92 0.62
C SER A 102 -10.44 15.18 0.81
N PHE A 103 -10.90 16.29 0.26
CA PHE A 103 -10.18 17.55 0.45
C PHE A 103 -10.11 17.92 1.92
N ALA A 104 -11.23 17.77 2.63
CA ALA A 104 -11.22 18.04 4.06
C ALA A 104 -10.25 17.11 4.78
N MET A 105 -10.29 15.82 4.43
CA MET A 105 -9.38 14.85 5.04
C MET A 105 -7.95 15.31 4.88
N ALA A 106 -7.56 15.60 3.64
CA ALA A 106 -6.19 15.98 3.36
C ALA A 106 -5.81 17.25 4.11
N ILE A 107 -6.70 18.24 4.10
CA ILE A 107 -6.37 19.52 4.72
C ILE A 107 -6.11 19.33 6.21
N PHE A 108 -7.03 18.67 6.91
CA PHE A 108 -6.85 18.63 8.37
C PHE A 108 -5.71 17.69 8.73
N PHE A 109 -5.55 16.59 7.99
CA PHE A 109 -4.43 15.70 8.29
C PHE A 109 -3.11 16.43 8.08
N PHE A 110 -3.01 17.22 7.02
CA PHE A 110 -1.78 17.98 6.78
C PHE A 110 -1.53 18.98 7.90
N VAL A 111 -2.57 19.68 8.35
CA VAL A 111 -2.34 20.69 9.38
C VAL A 111 -1.93 20.04 10.69
N PHE A 112 -2.56 18.92 11.07
CA PHE A 112 -2.08 18.21 12.25
C PHE A 112 -0.65 17.73 12.08
N SER A 113 -0.33 17.19 10.90
CA SER A 113 1.03 16.73 10.65
C SER A 113 2.02 17.86 10.91
N LEU A 114 1.77 19.01 10.30
CA LEU A 114 2.68 20.14 10.49
C LEU A 114 2.73 20.56 11.95
N LEU A 115 1.58 20.53 12.64
CA LEU A 115 1.55 20.91 14.04
C LEU A 115 2.43 19.98 14.88
N MET A 116 2.40 18.68 14.59
CA MET A 116 3.21 17.72 15.30
C MET A 116 4.63 17.61 14.76
N PHE A 117 5.09 18.60 14.00
CA PHE A 117 6.44 18.53 13.46
C PHE A 117 7.47 18.62 14.58
N LYS A 118 8.46 17.74 14.53
CA LYS A 118 9.56 17.73 15.50
C LYS A 118 9.06 17.55 16.92
N VAL A 119 8.31 16.48 17.17
CA VAL A 119 7.90 16.16 18.54
C VAL A 119 9.07 15.52 19.25
N LYS A 120 9.48 16.11 20.37
CA LYS A 120 10.66 15.67 21.09
C LYS A 120 10.35 14.89 22.36
N THR A 121 9.25 15.19 23.02
CA THR A 121 8.96 14.58 24.31
C THR A 121 7.46 14.57 24.55
N SER A 122 7.02 13.66 25.43
CA SER A 122 5.60 13.56 25.75
C SER A 122 5.15 14.70 26.66
N LYS A 123 6.04 15.23 27.50
CA LYS A 123 5.66 16.33 28.37
C LYS A 123 5.16 17.52 27.56
N ASP A 124 5.67 17.69 26.34
CA ASP A 124 5.18 18.74 25.47
C ASP A 124 3.68 18.58 25.25
N LEU A 125 2.94 19.68 25.37
CA LEU A 125 1.49 19.62 25.25
C LEU A 125 1.08 19.04 23.91
N ARG A 126 1.93 19.17 22.89
CA ARG A 126 1.60 18.63 21.58
C ARG A 126 1.41 17.12 21.64
N ALA A 127 2.30 16.42 22.33
CA ALA A 127 2.14 14.98 22.48
C ALA A 127 0.92 14.62 23.31
N ALA A 128 0.65 15.40 24.36
CA ALA A 128 -0.55 15.15 25.15
C ALA A 128 -1.79 15.26 24.30
N VAL A 129 -1.85 16.27 23.44
CA VAL A 129 -2.96 16.39 22.49
C VAL A 129 -2.97 15.19 21.54
N HIS A 130 -1.79 14.77 21.10
CA HIS A 130 -1.69 13.58 20.26
C HIS A 130 -2.35 12.38 20.95
N ASN A 131 -2.26 12.32 22.28
CA ASN A 131 -2.86 11.23 23.04
C ASN A 131 -4.32 11.48 23.39
N GLY A 132 -4.85 12.67 23.17
CA GLY A 132 -6.21 13.00 23.56
C GLY A 132 -6.81 14.09 22.70
N PHE A 133 -7.69 14.89 23.30
CA PHE A 133 -8.36 15.99 22.61
C PHE A 133 -9.14 15.50 21.38
N TRP A 134 -9.67 14.28 21.45
CA TRP A 134 -10.37 13.71 20.30
C TRP A 134 -11.56 14.57 19.90
N PHE A 135 -12.27 15.12 20.88
CA PHE A 135 -13.41 15.99 20.57
C PHE A 135 -12.96 17.14 19.69
N PHE A 136 -11.82 17.75 20.01
CA PHE A 136 -11.31 18.86 19.21
C PHE A 136 -10.96 18.40 17.81
N LYS A 137 -10.37 17.21 17.69
CA LYS A 137 -10.03 16.68 16.36
C LYS A 137 -11.27 16.53 15.51
N ILE A 138 -12.32 15.90 16.06
CA ILE A 138 -13.52 15.66 15.28
C ILE A 138 -14.21 16.98 14.96
N ALA A 139 -14.18 17.93 15.89
CA ALA A 139 -14.77 19.24 15.62
C ALA A 139 -14.07 19.92 14.45
N ALA A 140 -12.73 19.89 14.45
CA ALA A 140 -11.99 20.46 13.33
C ALA A 140 -12.31 19.73 12.03
N LEU A 141 -12.40 18.40 12.09
CA LEU A 141 -12.75 17.63 10.92
C LEU A 141 -14.07 18.09 10.33
N ILE A 142 -15.11 18.16 11.17
CA ILE A 142 -16.43 18.56 10.66
C ILE A 142 -16.38 19.99 10.14
N GLY A 143 -15.72 20.88 10.87
CA GLY A 143 -15.67 22.27 10.45
C GLY A 143 -15.05 22.44 9.07
N ILE A 144 -13.90 21.79 8.85
CA ILE A 144 -13.27 21.87 7.54
C ILE A 144 -14.12 21.17 6.48
N MET A 145 -14.80 20.08 6.87
CA MET A 145 -15.66 19.39 5.92
C MET A 145 -16.74 20.32 5.39
N VAL A 146 -17.39 21.06 6.29
CA VAL A 146 -18.41 22.02 5.85
C VAL A 146 -17.77 23.07 4.96
N GLY A 147 -16.60 23.57 5.34
CA GLY A 147 -15.90 24.54 4.51
C GLY A 147 -15.47 23.97 3.17
N SER A 148 -15.36 22.64 3.07
CA SER A 148 -14.90 22.04 1.83
C SER A 148 -15.84 22.34 0.67
N PHE A 149 -17.15 22.26 0.91
CA PHE A 149 -18.11 22.55 -0.15
C PHE A 149 -18.08 24.02 -0.56
N TYR A 150 -17.77 24.92 0.35
CA TYR A 150 -17.86 26.35 0.06
C TYR A 150 -16.85 26.82 -0.98
N ILE A 151 -15.88 26.00 -1.33
CA ILE A 151 -14.96 26.33 -2.41
C ILE A 151 -15.67 26.13 -3.75
N PRO A 152 -15.53 27.04 -4.71
CA PRO A 152 -16.12 26.80 -6.03
C PRO A 152 -15.45 25.63 -6.74
N GLY A 153 -16.23 24.94 -7.57
CA GLY A 153 -15.75 23.81 -8.32
C GLY A 153 -15.23 24.19 -9.70
N GLY A 154 -15.01 23.17 -10.52
CA GLY A 154 -14.54 23.36 -11.87
C GLY A 154 -13.05 23.11 -12.03
N TYR A 155 -12.28 24.17 -12.30
CA TYR A 155 -10.85 24.01 -12.46
C TYR A 155 -10.19 23.52 -11.18
N PHE A 156 -10.62 24.06 -10.03
CA PHE A 156 -10.10 23.57 -8.75
C PHE A 156 -10.32 22.08 -8.61
N SER A 157 -11.39 21.55 -9.18
CA SER A 157 -11.61 20.11 -9.16
C SER A 157 -10.47 19.39 -9.87
N SER A 158 -10.06 19.88 -11.03
CA SER A 158 -8.94 19.25 -11.75
C SER A 158 -7.64 19.43 -10.99
N VAL A 159 -7.46 20.58 -10.34
CA VAL A 159 -6.26 20.80 -9.54
C VAL A 159 -6.18 19.76 -8.44
N TRP A 160 -7.30 19.54 -7.74
CA TRP A 160 -7.32 18.52 -6.70
C TRP A 160 -7.20 17.13 -7.28
N PHE A 161 -7.67 16.93 -8.50
CA PHE A 161 -7.49 15.64 -9.18
C PHE A 161 -6.00 15.34 -9.37
N VAL A 162 -5.25 16.33 -9.85
CA VAL A 162 -3.81 16.15 -10.01
C VAL A 162 -3.14 15.93 -8.65
N VAL A 163 -3.54 16.72 -7.65
CA VAL A 163 -2.97 16.56 -6.32
C VAL A 163 -3.23 15.15 -5.81
N GLY A 164 -4.43 14.62 -6.08
CA GLY A 164 -4.75 13.29 -5.63
C GLY A 164 -3.94 12.22 -6.34
N MET A 165 -3.69 12.41 -7.64
CA MET A 165 -2.81 11.49 -8.34
C MET A 165 -1.43 11.48 -7.69
N ILE A 166 -0.90 12.68 -7.39
CA ILE A 166 0.41 12.77 -6.76
C ILE A 166 0.40 12.03 -5.42
N GLY A 167 -0.61 12.30 -4.61
CA GLY A 167 -0.67 11.68 -3.29
C GLY A 167 -0.80 10.17 -3.38
N ALA A 168 -1.61 9.69 -4.33
CA ALA A 168 -1.77 8.25 -4.48
C ALA A 168 -0.46 7.60 -4.87
N ALA A 169 0.30 8.24 -5.77
CA ALA A 169 1.60 7.70 -6.13
C ALA A 169 2.50 7.60 -4.91
N LEU A 170 2.61 8.69 -4.14
CA LEU A 170 3.48 8.66 -2.97
C LEU A 170 3.00 7.60 -1.98
N PHE A 171 1.69 7.48 -1.80
CA PHE A 171 1.16 6.51 -0.86
C PHE A 171 1.46 5.10 -1.30
N ILE A 172 1.33 4.79 -2.58
CA ILE A 172 1.63 3.44 -3.03
C ILE A 172 3.11 3.16 -2.83
N LEU A 173 3.96 4.17 -3.02
CA LEU A 173 5.38 3.97 -2.72
C LEU A 173 5.59 3.56 -1.27
N ILE A 174 5.06 4.36 -0.35
CA ILE A 174 5.30 4.06 1.07
C ILE A 174 4.65 2.74 1.45
N GLN A 175 3.49 2.44 0.85
CA GLN A 175 2.79 1.20 1.16
C GLN A 175 3.62 -0.01 0.72
N LEU A 176 4.25 0.07 -0.45
CA LEU A 176 5.11 -1.03 -0.87
C LEU A 176 6.33 -1.15 0.03
N VAL A 177 6.86 -0.02 0.50
CA VAL A 177 7.95 -0.08 1.48
C VAL A 177 7.50 -0.88 2.70
N LEU A 178 6.33 -0.52 3.24
CA LEU A 178 5.81 -1.25 4.40
C LEU A 178 5.57 -2.72 4.07
N LEU A 179 5.11 -3.01 2.86
CA LEU A 179 4.83 -4.39 2.49
C LEU A 179 6.10 -5.22 2.45
N VAL A 180 7.17 -4.67 1.87
CA VAL A 180 8.42 -5.41 1.82
C VAL A 180 8.96 -5.62 3.23
N ASP A 181 8.87 -4.60 4.08
CA ASP A 181 9.29 -4.79 5.47
C ASP A 181 8.48 -5.89 6.13
N PHE A 182 7.16 -5.90 5.90
CA PHE A 182 6.30 -6.92 6.48
C PHE A 182 6.71 -8.31 6.02
N ALA A 183 6.97 -8.45 4.71
CA ALA A 183 7.36 -9.77 4.19
C ALA A 183 8.68 -10.21 4.76
N HIS A 184 9.65 -9.30 4.87
CA HIS A 184 10.94 -9.65 5.47
C HIS A 184 10.75 -10.14 6.88
N SER A 185 9.96 -9.43 7.69
CA SER A 185 9.75 -9.84 9.07
C SER A 185 9.05 -11.19 9.15
N TRP A 186 8.01 -11.39 8.33
CA TRP A 186 7.29 -12.65 8.32
C TRP A 186 8.22 -13.80 8.00
N ASN A 187 9.02 -13.64 6.94
CA ASN A 187 9.94 -14.69 6.56
C ASN A 187 10.94 -14.97 7.68
N GLU A 188 11.48 -13.92 8.29
CA GLU A 188 12.46 -14.11 9.36
C GLU A 188 11.87 -14.92 10.49
N SER A 189 10.71 -14.51 10.99
CA SER A 189 10.11 -15.20 12.13
C SER A 189 9.78 -16.64 11.77
N TRP A 190 9.23 -16.86 10.57
CA TRP A 190 8.84 -18.21 10.20
C TRP A 190 10.06 -19.11 10.09
N VAL A 191 11.15 -18.61 9.51
CA VAL A 191 12.33 -19.44 9.36
C VAL A 191 12.94 -19.74 10.72
N ASN A 192 12.90 -18.76 11.64
CA ASN A 192 13.43 -19.01 12.97
C ASN A 192 12.62 -20.11 13.66
N ARG A 193 11.29 -20.03 13.59
CA ARG A 193 10.45 -21.06 14.17
C ARG A 193 10.75 -22.42 13.55
N MET A 194 10.94 -22.45 12.23
CA MET A 194 11.28 -23.70 11.57
C MET A 194 12.59 -24.26 12.10
N GLU A 195 13.58 -23.39 12.27
CA GLU A 195 14.86 -23.83 12.79
C GLU A 195 14.72 -24.43 14.17
N GLU A 196 13.90 -23.82 15.03
CA GLU A 196 13.81 -24.29 16.41
C GLU A 196 13.05 -25.61 16.51
N GLY A 197 11.78 -25.63 16.11
CA GLY A 197 10.92 -26.75 16.37
C GLY A 197 10.99 -27.87 15.34
N ASN A 198 9.86 -28.53 15.10
CA ASN A 198 9.80 -29.60 14.11
C ASN A 198 10.08 -29.02 12.74
N PRO A 199 11.27 -29.24 12.17
CA PRO A 199 11.58 -28.57 10.90
C PRO A 199 10.62 -28.93 9.78
N ARG A 200 10.18 -30.19 9.71
CA ARG A 200 9.44 -30.63 8.53
C ARG A 200 8.09 -29.92 8.42
N LEU A 201 7.39 -29.74 9.52
CA LEU A 201 6.06 -29.14 9.46
C LEU A 201 6.14 -27.70 8.96
N TRP A 202 7.00 -26.89 9.59
CA TRP A 202 7.17 -25.51 9.16
C TRP A 202 7.66 -25.44 7.72
N TYR A 203 8.59 -26.33 7.35
CA TYR A 203 9.11 -26.31 5.99
C TYR A 203 8.00 -26.56 4.98
N ALA A 204 7.17 -27.57 5.25
CA ALA A 204 6.04 -27.84 4.38
C ALA A 204 5.12 -26.63 4.30
N ALA A 205 4.91 -25.96 5.43
CA ALA A 205 4.06 -24.78 5.45
C ALA A 205 4.58 -23.71 4.49
N LEU A 206 5.87 -23.36 4.64
CA LEU A 206 6.45 -22.34 3.76
C LEU A 206 6.34 -22.77 2.31
N LEU A 207 6.72 -24.01 2.01
CA LEU A 207 6.69 -24.47 0.64
C LEU A 207 5.28 -24.34 0.07
N SER A 208 4.29 -24.79 0.82
CA SER A 208 2.92 -24.78 0.33
C SER A 208 2.46 -23.36 0.06
N PHE A 209 2.68 -22.45 1.00
CA PHE A 209 2.19 -21.08 0.81
C PHE A 209 2.88 -20.42 -0.37
N THR A 210 4.20 -20.55 -0.48
CA THR A 210 4.91 -19.92 -1.57
C THR A 210 4.46 -20.47 -2.92
N SER A 211 4.32 -21.80 -3.01
CA SER A 211 3.87 -22.40 -4.26
C SER A 211 2.46 -21.97 -4.60
N ALA A 212 1.58 -21.85 -3.60
CA ALA A 212 0.23 -21.39 -3.86
C ALA A 212 0.23 -19.96 -4.39
N PHE A 213 1.07 -19.11 -3.82
CA PHE A 213 1.13 -17.73 -4.30
C PHE A 213 1.64 -17.68 -5.74
N TYR A 214 2.67 -18.47 -6.06
CA TYR A 214 3.10 -18.57 -7.44
C TYR A 214 1.99 -19.07 -8.35
N ILE A 215 1.22 -20.06 -7.88
CA ILE A 215 0.14 -20.60 -8.70
C ILE A 215 -0.89 -19.51 -9.00
N LEU A 216 -1.25 -18.73 -7.97
CA LEU A 216 -2.20 -17.65 -8.18
C LEU A 216 -1.63 -16.63 -9.18
N SER A 217 -0.36 -16.31 -9.04
CA SER A 217 0.26 -15.38 -9.98
C SER A 217 0.18 -15.90 -11.41
N ILE A 218 0.56 -17.16 -11.62
CA ILE A 218 0.57 -17.71 -12.96
C ILE A 218 -0.84 -17.72 -13.53
N ILE A 219 -1.82 -18.15 -12.74
CA ILE A 219 -3.16 -18.27 -13.28
C ILE A 219 -3.75 -16.90 -13.60
N CYS A 220 -3.47 -15.89 -12.76
CA CYS A 220 -3.97 -14.56 -13.06
C CYS A 220 -3.30 -14.00 -14.30
N VAL A 221 -2.00 -14.27 -14.48
CA VAL A 221 -1.34 -13.84 -15.70
C VAL A 221 -1.95 -14.52 -16.92
N GLY A 222 -2.33 -15.79 -16.78
CA GLY A 222 -3.03 -16.45 -17.86
C GLY A 222 -4.35 -15.79 -18.18
N LEU A 223 -5.08 -15.38 -17.12
CA LEU A 223 -6.31 -14.63 -17.35
C LEU A 223 -6.03 -13.34 -18.10
N LEU A 224 -4.95 -12.65 -17.74
CA LEU A 224 -4.59 -11.42 -18.45
C LEU A 224 -4.32 -11.70 -19.92
N TYR A 225 -3.54 -12.75 -20.21
CA TYR A 225 -3.35 -13.15 -21.60
C TYR A 225 -4.70 -13.33 -22.30
N THR A 226 -5.60 -14.08 -21.68
CA THR A 226 -6.86 -14.42 -22.33
C THR A 226 -7.68 -13.18 -22.62
N TYR A 227 -7.73 -12.24 -21.68
CA TYR A 227 -8.69 -11.14 -21.74
C TYR A 227 -8.11 -9.86 -22.31
N TYR A 228 -7.01 -9.37 -21.76
CA TYR A 228 -6.54 -8.02 -22.02
C TYR A 228 -5.51 -7.95 -23.14
N THR A 229 -5.35 -9.02 -23.92
CA THR A 229 -4.38 -9.02 -24.99
C THR A 229 -4.90 -9.84 -26.16
N LYS A 230 -4.61 -9.39 -27.38
CA LYS A 230 -4.99 -10.08 -28.60
C LYS A 230 -3.85 -9.95 -29.60
N PRO A 231 -3.67 -10.96 -30.48
CA PRO A 231 -2.59 -10.84 -31.47
C PRO A 231 -2.76 -9.66 -32.42
N ASP A 232 -3.99 -9.27 -32.73
CA ASP A 232 -4.24 -8.24 -33.73
C ASP A 232 -3.97 -6.82 -33.23
N GLY A 233 -3.75 -6.64 -31.93
CA GLY A 233 -3.52 -5.31 -31.41
C GLY A 233 -3.29 -5.32 -29.92
N CYS A 234 -3.48 -4.16 -29.30
CA CYS A 234 -3.27 -4.01 -27.87
C CYS A 234 -1.85 -4.43 -27.48
N THR A 235 -0.89 -4.13 -28.36
CA THR A 235 0.49 -4.51 -28.11
C THR A 235 1.02 -3.91 -26.82
N GLU A 236 0.50 -2.75 -26.42
CA GLU A 236 0.95 -2.13 -25.18
C GLU A 236 0.64 -3.01 -23.97
N ASN A 237 -0.55 -3.63 -23.95
CA ASN A 237 -0.88 -4.53 -22.86
C ASN A 237 0.08 -5.71 -22.81
N LYS A 238 0.38 -6.30 -23.97
CA LYS A 238 1.37 -7.36 -24.02
C LYS A 238 2.71 -6.88 -23.47
N PHE A 239 3.13 -5.67 -23.87
CA PHE A 239 4.41 -5.16 -23.43
C PHE A 239 4.45 -5.02 -21.91
N PHE A 240 3.38 -4.47 -21.34
CA PHE A 240 3.32 -4.32 -19.89
C PHE A 240 3.41 -5.69 -19.21
N ILE A 241 2.61 -6.64 -19.70
CA ILE A 241 2.59 -7.97 -19.09
C ILE A 241 3.99 -8.57 -19.13
N SER A 242 4.64 -8.50 -20.29
CA SER A 242 5.94 -9.13 -20.46
C SER A 242 6.99 -8.47 -19.57
N ILE A 243 7.02 -7.13 -19.54
CA ILE A 243 8.03 -6.45 -18.73
C ILE A 243 7.83 -6.78 -17.27
N ASN A 244 6.58 -6.73 -16.79
CA ASN A 244 6.34 -7.05 -15.40
C ASN A 244 6.74 -8.48 -15.10
N LEU A 245 6.43 -9.41 -16.01
CA LEU A 245 6.77 -10.80 -15.80
C LEU A 245 8.28 -10.98 -15.71
N ILE A 246 9.03 -10.36 -16.61
CA ILE A 246 10.48 -10.56 -16.61
C ILE A 246 11.10 -9.93 -15.37
N LEU A 247 10.67 -8.73 -15.00
CA LEU A 247 11.22 -8.12 -13.79
C LEU A 247 10.89 -8.95 -12.55
N CYS A 248 9.66 -9.45 -12.43
CA CYS A 248 9.33 -10.23 -11.24
C CYS A 248 10.08 -11.55 -11.24
N VAL A 249 10.28 -12.15 -12.42
CA VAL A 249 11.07 -13.37 -12.50
C VAL A 249 12.49 -13.10 -12.02
N VAL A 250 13.07 -11.98 -12.43
CA VAL A 250 14.40 -11.62 -11.93
C VAL A 250 14.36 -11.46 -10.43
N ALA A 251 13.34 -10.76 -9.92
CA ALA A 251 13.22 -10.56 -8.48
C ALA A 251 13.20 -11.90 -7.75
N SER A 252 12.55 -12.90 -8.35
CA SER A 252 12.60 -14.24 -7.79
C SER A 252 14.02 -14.80 -7.85
N ILE A 253 14.66 -14.72 -9.01
CA ILE A 253 15.97 -15.31 -9.18
C ILE A 253 16.98 -14.61 -8.27
N ILE A 254 16.94 -13.28 -8.23
CA ILE A 254 17.90 -12.54 -7.43
C ILE A 254 17.83 -12.92 -5.96
N SER A 255 16.72 -13.51 -5.53
CA SER A 255 16.62 -13.98 -4.16
C SER A 255 17.49 -15.20 -3.88
N ILE A 256 18.08 -15.80 -4.91
CA ILE A 256 18.84 -17.04 -4.75
C ILE A 256 20.32 -16.82 -5.03
N HIS A 257 20.77 -15.58 -5.07
CA HIS A 257 22.20 -15.32 -5.27
C HIS A 257 22.96 -15.67 -4.00
N PRO A 258 23.92 -16.59 -4.05
CA PRO A 258 24.61 -16.97 -2.80
C PRO A 258 25.19 -15.78 -2.06
N LYS A 259 25.75 -14.81 -2.80
CA LYS A 259 26.28 -13.62 -2.14
C LYS A 259 25.18 -12.86 -1.42
N ILE A 260 24.01 -12.73 -2.05
CA ILE A 260 22.91 -12.01 -1.43
C ILE A 260 22.51 -12.68 -0.12
N GLN A 261 22.33 -14.00 -0.15
CA GLN A 261 21.96 -14.70 1.07
C GLN A 261 23.04 -14.54 2.13
N GLU A 262 24.32 -14.64 1.72
CA GLU A 262 25.41 -14.41 2.65
C GLU A 262 25.35 -13.03 3.28
N HIS A 263 24.80 -12.05 2.55
CA HIS A 263 24.61 -10.72 3.10
C HIS A 263 23.24 -10.51 3.70
N GLN A 264 22.26 -11.30 3.28
CA GLN A 264 20.89 -11.24 3.81
C GLN A 264 20.50 -12.65 4.24
N PRO A 265 20.85 -13.04 5.47
CA PRO A 265 20.65 -14.44 5.85
C PRO A 265 19.20 -14.91 5.78
N ARG A 266 18.23 -14.04 6.05
CA ARG A 266 16.84 -14.45 6.17
C ARG A 266 16.03 -14.18 4.92
N SER A 267 16.68 -13.83 3.80
CA SER A 267 15.96 -13.68 2.55
C SER A 267 15.47 -15.03 2.05
N GLY A 268 14.31 -15.03 1.39
CA GLY A 268 13.70 -16.25 0.93
C GLY A 268 12.72 -16.01 -0.20
N LEU A 269 12.18 -17.11 -0.72
CA LEU A 269 11.26 -17.05 -1.85
C LEU A 269 9.89 -16.53 -1.47
N LEU A 270 9.48 -16.69 -0.21
CA LEU A 270 8.12 -16.34 0.18
C LEU A 270 7.84 -14.87 -0.10
N GLN A 271 8.71 -13.99 0.39
CA GLN A 271 8.50 -12.57 0.16
C GLN A 271 8.57 -12.24 -1.33
N SER A 272 9.43 -12.94 -2.07
CA SER A 272 9.49 -12.73 -3.51
C SER A 272 8.14 -13.03 -4.15
N SER A 273 7.53 -14.16 -3.77
CA SER A 273 6.22 -14.50 -4.30
C SER A 273 5.19 -13.46 -3.94
N LEU A 274 5.23 -12.98 -2.70
CA LEU A 274 4.26 -11.97 -2.27
C LEU A 274 4.39 -10.72 -3.13
N ILE A 275 5.62 -10.26 -3.36
CA ILE A 275 5.82 -9.07 -4.18
C ILE A 275 5.34 -9.32 -5.60
N THR A 276 5.64 -10.49 -6.15
CA THR A 276 5.18 -10.78 -7.51
C THR A 276 3.67 -10.73 -7.62
N LEU A 277 2.99 -11.33 -6.64
CA LEU A 277 1.53 -11.35 -6.68
C LEU A 277 0.97 -9.93 -6.57
N TYR A 278 1.53 -9.12 -5.67
CA TYR A 278 1.06 -7.75 -5.56
C TYR A 278 1.28 -7.00 -6.87
N THR A 279 2.42 -7.22 -7.51
CA THR A 279 2.69 -6.56 -8.78
C THR A 279 1.68 -6.96 -9.84
N MET A 280 1.36 -8.25 -9.91
CA MET A 280 0.36 -8.69 -10.88
C MET A 280 -0.99 -8.07 -10.61
N TYR A 281 -1.36 -7.95 -9.33
CA TYR A 281 -2.60 -7.27 -9.00
C TYR A 281 -2.56 -5.82 -9.47
N LEU A 282 -1.43 -5.15 -9.26
CA LEU A 282 -1.32 -3.76 -9.72
C LEU A 282 -1.50 -3.68 -11.22
N THR A 283 -0.91 -4.62 -11.96
CA THR A 283 -1.07 -4.63 -13.41
C THR A 283 -2.54 -4.79 -13.78
N TRP A 284 -3.22 -5.74 -13.13
CA TRP A 284 -4.63 -5.97 -13.44
C TRP A 284 -5.44 -4.70 -13.20
N SER A 285 -5.18 -4.02 -12.08
CA SER A 285 -5.86 -2.76 -11.84
C SER A 285 -5.52 -1.73 -12.89
N ALA A 286 -4.29 -1.74 -13.40
CA ALA A 286 -3.85 -0.69 -14.32
C ALA A 286 -4.71 -0.68 -15.58
N MET A 287 -4.83 -1.82 -16.25
CA MET A 287 -5.70 -1.90 -17.42
C MET A 287 -7.16 -1.90 -17.01
N SER A 288 -7.46 -2.27 -15.77
CA SER A 288 -8.85 -2.24 -15.30
C SER A 288 -9.43 -0.84 -15.42
N ASN A 289 -8.60 0.19 -15.24
CA ASN A 289 -9.05 1.57 -15.26
C ASN A 289 -8.94 2.21 -16.64
N GLU A 290 -8.49 1.47 -17.65
CA GLU A 290 -8.39 2.03 -18.99
C GLU A 290 -9.78 2.37 -19.52
N PRO A 291 -10.06 3.62 -19.87
CA PRO A 291 -11.40 3.94 -20.38
C PRO A 291 -11.77 3.16 -21.63
N ASP A 292 -10.81 2.83 -22.48
CA ASP A 292 -11.08 2.13 -23.73
C ASP A 292 -11.55 0.71 -23.40
N ARG A 293 -12.86 0.47 -23.49
CA ARG A 293 -13.38 -0.86 -23.22
C ARG A 293 -12.91 -1.86 -24.29
N SER A 294 -12.78 -1.40 -25.53
CA SER A 294 -12.22 -2.25 -26.56
C SER A 294 -10.89 -2.84 -26.12
N CYS A 295 -10.08 -2.03 -25.45
CA CYS A 295 -8.89 -2.53 -24.78
C CYS A 295 -9.18 -3.03 -23.37
N ASN A 296 -10.17 -2.44 -22.70
CA ASN A 296 -10.53 -2.83 -21.34
C ASN A 296 -11.78 -3.70 -21.34
N ASP A 334 -13.84 -2.75 -10.44
CA ASP A 334 -14.57 -2.61 -9.18
C ASP A 334 -13.97 -3.51 -8.10
N SER A 335 -14.03 -4.82 -8.33
CA SER A 335 -13.41 -5.75 -7.39
C SER A 335 -11.93 -5.45 -7.20
N ASP A 336 -11.27 -4.97 -8.25
CA ASP A 336 -9.88 -4.53 -8.10
C ASP A 336 -9.80 -3.38 -7.10
N ASN A 337 -10.74 -2.44 -7.17
CA ASN A 337 -10.73 -1.32 -6.23
C ASN A 337 -11.00 -1.81 -4.81
N PHE A 338 -11.90 -2.76 -4.65
CA PHE A 338 -12.18 -3.31 -3.33
C PHE A 338 -10.93 -4.00 -2.77
N ILE A 339 -10.22 -4.77 -3.60
CA ILE A 339 -9.01 -5.42 -3.14
C ILE A 339 -7.95 -4.39 -2.80
N GLY A 340 -7.89 -3.29 -3.58
CA GLY A 340 -6.99 -2.21 -3.23
C GLY A 340 -7.30 -1.63 -1.87
N LEU A 341 -8.58 -1.45 -1.57
CA LEU A 341 -8.96 -0.96 -0.25
C LEU A 341 -8.60 -1.99 0.83
N PHE A 342 -8.71 -3.27 0.53
CA PHE A 342 -8.35 -4.29 1.51
C PHE A 342 -6.86 -4.22 1.84
N VAL A 343 -6.03 -4.12 0.81
CA VAL A 343 -4.59 -4.00 1.06
C VAL A 343 -4.29 -2.68 1.74
N PHE A 344 -5.05 -1.63 1.42
CA PHE A 344 -4.97 -0.38 2.16
C PHE A 344 -5.15 -0.60 3.65
N VAL A 345 -6.22 -1.28 4.02
CA VAL A 345 -6.50 -1.50 5.43
C VAL A 345 -5.38 -2.32 6.06
N LEU A 346 -4.95 -3.38 5.38
CA LEU A 346 -3.89 -4.22 5.92
C LEU A 346 -2.62 -3.42 6.17
N CYS A 347 -2.20 -2.65 5.17
CA CYS A 347 -0.98 -1.87 5.30
C CYS A 347 -1.11 -0.84 6.43
N LEU A 348 -2.24 -0.15 6.49
CA LEU A 348 -2.42 0.86 7.52
C LEU A 348 -2.39 0.24 8.91
N LEU A 349 -3.05 -0.90 9.08
CA LEU A 349 -3.04 -1.58 10.36
C LEU A 349 -1.63 -1.97 10.76
N TYR A 350 -0.89 -2.60 9.84
CA TYR A 350 0.46 -3.03 10.20
C TYR A 350 1.34 -1.83 10.53
N SER A 351 1.24 -0.77 9.74
CA SER A 351 2.03 0.43 10.02
C SER A 351 1.72 0.98 11.39
N SER A 352 0.44 1.06 11.74
CA SER A 352 0.07 1.45 13.09
C SER A 352 0.67 0.49 14.11
N ILE A 353 0.87 -0.76 13.72
CA ILE A 353 1.50 -1.75 14.59
C ILE A 353 3.00 -1.78 14.33
N GLU A 371 8.22 7.75 25.95
CA GLU A 371 7.70 8.86 25.15
C GLU A 371 8.26 10.18 25.65
N LYS A 372 8.50 10.26 26.97
CA LYS A 372 9.04 11.49 27.54
C LYS A 372 10.42 11.80 26.98
N GLU A 373 11.29 10.79 26.89
CA GLU A 373 12.63 11.03 26.37
C GLU A 373 12.61 11.27 24.86
N GLY A 374 11.84 10.46 24.12
CA GLY A 374 11.79 10.60 22.68
C GLY A 374 10.58 9.88 22.12
N VAL A 375 10.20 10.25 20.91
CA VAL A 375 9.04 9.67 20.25
C VAL A 375 9.44 8.34 19.62
N GLN A 376 8.66 7.29 19.91
CA GLN A 376 8.93 5.99 19.30
C GLN A 376 8.83 6.05 17.78
N TYR A 377 8.06 7.00 17.24
CA TYR A 377 7.93 7.17 15.81
C TYR A 377 7.64 8.63 15.51
N SER A 378 7.86 9.01 14.25
CA SER A 378 7.61 10.38 13.84
C SER A 378 6.11 10.59 13.72
N TYR A 379 5.52 11.33 14.67
CA TYR A 379 4.10 11.63 14.60
C TYR A 379 3.77 12.44 13.37
N SER A 380 4.61 13.42 13.04
CA SER A 380 4.35 14.26 11.87
C SER A 380 4.34 13.44 10.60
N LEU A 381 5.35 12.60 10.40
CA LEU A 381 5.38 11.75 9.22
C LEU A 381 4.23 10.74 9.24
N PHE A 382 3.80 10.34 10.44
CA PHE A 382 2.64 9.44 10.51
C PHE A 382 1.39 10.13 10.00
N HIS A 383 1.14 11.36 10.45
CA HIS A 383 0.00 12.12 9.96
C HIS A 383 0.12 12.36 8.46
N LEU A 384 1.34 12.60 7.96
CA LEU A 384 1.53 12.83 6.53
C LEU A 384 1.20 11.57 5.74
N MET A 385 1.62 10.41 6.23
CA MET A 385 1.24 9.16 5.57
C MET A 385 -0.26 8.97 5.61
N LEU A 386 -0.90 9.35 6.71
CA LEU A 386 -2.36 9.28 6.77
C LEU A 386 -2.98 10.17 5.70
N CYS A 387 -2.44 11.37 5.53
CA CYS A 387 -2.96 12.28 4.51
C CYS A 387 -2.80 11.67 3.11
N LEU A 388 -1.62 11.14 2.83
CA LEU A 388 -1.41 10.50 1.54
C LEU A 388 -2.35 9.33 1.36
N ALA A 389 -2.65 8.61 2.44
CA ALA A 389 -3.62 7.53 2.38
C ALA A 389 -4.99 8.06 1.98
N SER A 390 -5.40 9.18 2.58
CA SER A 390 -6.68 9.78 2.22
C SER A 390 -6.70 10.15 0.74
N LEU A 391 -5.61 10.73 0.24
CA LEU A 391 -5.59 11.10 -1.17
C LEU A 391 -5.68 9.85 -2.05
N TYR A 392 -4.98 8.79 -1.67
CA TYR A 392 -5.07 7.54 -2.40
C TYR A 392 -6.49 7.01 -2.40
N ILE A 393 -7.18 7.11 -1.26
CA ILE A 393 -8.56 6.68 -1.20
C ILE A 393 -9.40 7.46 -2.20
N MET A 394 -9.24 8.78 -2.20
CA MET A 394 -9.89 9.61 -3.21
C MET A 394 -9.69 9.02 -4.59
N MET A 395 -8.43 8.91 -5.03
CA MET A 395 -8.17 8.46 -6.39
C MET A 395 -8.78 7.08 -6.64
N THR A 396 -8.63 6.17 -5.68
CA THR A 396 -9.11 4.81 -5.87
C THR A 396 -10.62 4.81 -6.10
N LEU A 397 -11.35 5.65 -5.37
CA LEU A 397 -12.78 5.72 -5.60
C LEU A 397 -13.10 6.17 -7.02
N THR A 398 -12.15 6.76 -7.72
CA THR A 398 -12.30 7.08 -9.13
C THR A 398 -11.31 6.28 -9.97
N LYS A 413 -7.99 7.17 -18.05
CA LYS A 413 -7.21 7.87 -19.06
C LYS A 413 -5.75 7.44 -18.99
N TRP A 414 -5.02 7.66 -20.09
CA TRP A 414 -3.63 7.20 -20.17
C TRP A 414 -2.77 7.64 -18.99
N PRO A 415 -2.88 8.88 -18.49
CA PRO A 415 -2.05 9.28 -17.34
C PRO A 415 -2.18 8.35 -16.15
N ALA A 416 -3.39 7.87 -15.85
CA ALA A 416 -3.56 6.94 -14.75
C ALA A 416 -2.80 5.65 -15.01
N VAL A 417 -2.85 5.16 -16.25
CA VAL A 417 -2.12 3.95 -16.60
C VAL A 417 -0.63 4.16 -16.39
N TRP A 418 -0.13 5.32 -16.81
CA TRP A 418 1.28 5.62 -16.60
C TRP A 418 1.62 5.66 -15.11
N VAL A 419 0.73 6.25 -14.30
CA VAL A 419 0.98 6.27 -12.86
C VAL A 419 1.08 4.84 -12.33
N LYS A 420 0.16 3.98 -12.73
CA LYS A 420 0.16 2.61 -12.21
C LYS A 420 1.40 1.84 -12.64
N ILE A 421 1.79 1.96 -13.91
CA ILE A 421 2.94 1.21 -14.39
C ILE A 421 4.22 1.75 -13.74
N SER A 422 4.30 3.06 -13.54
CA SER A 422 5.43 3.62 -12.82
C SER A 422 5.47 3.11 -11.40
N SER A 423 4.31 2.96 -10.77
CA SER A 423 4.26 2.40 -9.42
C SER A 423 4.81 0.98 -9.42
N SER A 424 4.42 0.18 -10.41
CA SER A 424 4.95 -1.18 -10.49
C SER A 424 6.46 -1.15 -10.64
N TRP A 425 6.96 -0.28 -11.53
CA TRP A 425 8.40 -0.23 -11.78
C TRP A 425 9.15 0.17 -10.53
N VAL A 426 8.67 1.20 -9.83
CA VAL A 426 9.36 1.65 -8.62
C VAL A 426 9.25 0.60 -7.52
N CYS A 427 8.14 -0.14 -7.47
CA CYS A 427 8.04 -1.25 -6.54
C CYS A 427 9.17 -2.25 -6.77
N LEU A 428 9.32 -2.71 -8.01
CA LEU A 428 10.33 -3.71 -8.27
C LEU A 428 11.74 -3.15 -8.09
N LEU A 429 11.92 -1.85 -8.40
CA LEU A 429 13.19 -1.20 -8.13
C LEU A 429 13.48 -1.19 -6.63
N LEU A 430 12.46 -0.90 -5.82
CA LEU A 430 12.64 -0.95 -4.38
C LEU A 430 13.02 -2.34 -3.91
N TYR A 431 12.38 -3.36 -4.49
CA TYR A 431 12.71 -4.72 -4.10
C TYR A 431 14.18 -5.03 -4.40
N VAL A 432 14.62 -4.68 -5.61
CA VAL A 432 16.01 -4.92 -5.99
C VAL A 432 16.95 -4.16 -5.05
N TRP A 433 16.61 -2.92 -4.74
CA TRP A 433 17.45 -2.12 -3.85
C TRP A 433 17.54 -2.76 -2.47
N THR A 434 16.39 -3.11 -1.89
CA THR A 434 16.40 -3.71 -0.56
C THR A 434 17.14 -5.03 -0.54
N LEU A 435 17.24 -5.70 -1.69
CA LEU A 435 18.00 -6.94 -1.71
C LEU A 435 19.49 -6.73 -1.93
N VAL A 436 19.90 -5.65 -2.62
CA VAL A 436 21.28 -5.49 -3.03
C VAL A 436 22.05 -4.49 -2.18
N ALA A 437 21.44 -3.38 -1.79
CA ALA A 437 22.20 -2.25 -1.24
C ALA A 437 23.11 -2.64 -0.09
N PRO A 438 22.69 -3.45 0.88
CA PRO A 438 23.62 -3.80 1.97
C PRO A 438 24.90 -4.43 1.45
N LEU A 439 24.82 -5.19 0.36
CA LEU A 439 26.04 -5.71 -0.25
C LEU A 439 26.92 -4.58 -0.76
N VAL A 440 26.32 -3.45 -1.15
CA VAL A 440 27.08 -2.30 -1.60
C VAL A 440 27.62 -1.53 -0.40
N PHE B 102 28.53 -24.22 12.90
CA PHE B 102 27.45 -25.05 12.36
C PHE B 102 27.44 -25.00 10.84
N TYR B 103 26.75 -25.96 10.23
CA TYR B 103 26.77 -26.12 8.77
C TYR B 103 25.54 -25.47 8.12
N SER B 104 25.61 -24.15 8.00
CA SER B 104 24.61 -23.44 7.22
C SER B 104 24.66 -23.92 5.77
N ARG B 105 23.64 -23.55 4.99
CA ARG B 105 23.58 -23.89 3.59
C ARG B 105 22.78 -22.85 2.81
N TYR B 106 22.80 -22.99 1.50
CA TYR B 106 22.07 -22.10 0.59
C TYR B 106 20.77 -22.76 0.16
N SER B 107 19.80 -22.76 1.08
CA SER B 107 18.51 -23.36 0.81
C SER B 107 17.54 -22.33 0.23
N TRP B 108 16.35 -22.81 -0.11
CA TRP B 108 15.36 -21.93 -0.73
C TRP B 108 14.94 -20.83 0.24
N TYR B 109 14.50 -21.21 1.42
CA TYR B 109 14.01 -20.24 2.38
C TYR B 109 15.09 -19.29 2.86
N GLY B 110 16.36 -19.63 2.73
CA GLY B 110 17.43 -18.72 3.05
C GLY B 110 18.58 -19.42 3.73
N TYR B 111 19.25 -18.68 4.61
CA TYR B 111 20.49 -19.12 5.27
C TYR B 111 20.13 -19.69 6.63
N SER B 112 20.34 -20.98 6.80
CA SER B 112 20.06 -21.64 8.06
C SER B 112 20.78 -22.98 8.11
N TYR B 113 20.70 -23.63 9.27
CA TYR B 113 21.37 -24.89 9.50
C TYR B 113 20.43 -25.94 10.10
N GLY B 114 19.14 -25.64 10.18
CA GLY B 114 18.23 -26.58 10.83
C GLY B 114 18.26 -27.95 10.20
N TRP B 115 18.31 -27.99 8.87
CA TRP B 115 18.29 -29.28 8.18
C TRP B 115 19.55 -30.09 8.41
N SER B 116 20.61 -29.48 8.92
CA SER B 116 21.89 -30.18 9.09
C SER B 116 22.50 -29.81 10.44
N ARG B 117 21.67 -29.62 11.45
CA ARG B 117 22.16 -29.25 12.76
C ARG B 117 22.90 -30.42 13.39
#